data_7JUT
#
_entry.id   7JUT
#
_cell.length_a   138.000
_cell.length_b   138.000
_cell.length_c   220.000
_cell.angle_alpha   90.00
_cell.angle_beta   90.00
_cell.angle_gamma   120.00
#
_symmetry.space_group_name_H-M   'P 61 2 2'
#
loop_
_entity.id
_entity.type
_entity.pdbx_description
1 polymer 'Kinase suppressor of Ras 2'
2 polymer 'Dual specificity mitogen-activated protein kinase kinase 1'
3 non-polymer 'PHOSPHOAMINOPHOSPHONIC ACID-ADENYLATE ESTER'
4 non-polymer 5-[(4-bromo-2-chlorophenyl)amino]-4-fluoro-N-(2-hydroxyethoxy)-1-methyl-1H-benzimidazole-6-carboxamide
5 water water
#
loop_
_entity_poly.entity_id
_entity_poly.type
_entity_poly.pdbx_seq_one_letter_code
_entity_poly.pdbx_strand_id
1 'polypeptide(L)'
;MSYYHHHHHHDYDIPTTENLYFQGAEMNLSLLSARSFPRKASQTSIFLQEWDIPFEQLEIGELIGKGRFGQVYHGRWHGE
VAIRLIDIERDNEDQLKAFKREVMAYRQTRHENVVLFMGACMSPPHLAIITSLCKGRTLYSVVRDAKIVLDVNKTRQIAQ
EIVKGMGYLHAKGILHKDLKSKNVFYDNGKVVITDFGLFSISGVLQAGRREDKLRIQNGWLCHLAPEIIRQLSPDTEEDK
LPFSKHSDVFALGTIWYELHAREWPFKTQPAEAIIWQMGTGMKPNLSQIGMGKEISDILLFCWAFEQEERPTFTKLMDML
EKLPKRNRRLSHPGHFWKSAEL
;
B
2 'polypeptide(L)'
;MSYYHHHHHHDYDIPTTENLYFQGAKKLEELELDEQQRKRLEAFLTQKQKVGELKDDDFEKISELGAGNGGVVFKVSHKP
SGLVMARKLIHLEIKPAIRNQIIRELQVLHECNSPYIVGFYGAFYSDGEISICMEHMDGGSLDQVLKKAGRIPEQILGKV
SIAVIKGLTYLREKHKIMHRDVKPSNILVNSRGEIKLCDFGVSGQLIDSMANSFVGTRSYMSPERLQGTHYSVQSDIWSM
GLSLVEMAVGRYPIPPPDAKELELMFGCQVEGDAAETPPRPRTPGRPLSSYGMDSRPPMAIFELLDYIVNEPPPKLPSAV
FSLEFQDFVNKCLIKNPAERADLKQLMVHAFIKRSDAEEVDFAGWLCSTIGLNQPSTPTHAAGV
;
C
#
# COMPACT_ATOMS: atom_id res chain seq x y z
N THR A 44 -9.86 -9.51 35.73
CA THR A 44 -9.07 -10.23 34.75
C THR A 44 -10.00 -10.86 33.71
N SER A 45 -11.30 -10.85 34.01
CA SER A 45 -12.31 -11.38 33.11
C SER A 45 -13.55 -10.51 33.17
N ILE A 46 -14.29 -10.45 32.06
CA ILE A 46 -15.59 -9.81 32.01
C ILE A 46 -16.62 -10.87 31.67
N PHE A 47 -17.63 -11.02 32.53
CA PHE A 47 -18.70 -11.96 32.32
C PHE A 47 -19.83 -11.30 31.55
N LEU A 48 -20.53 -12.11 30.75
CA LEU A 48 -21.69 -11.61 30.02
C LEU A 48 -22.94 -11.56 30.89
N GLN A 49 -22.86 -12.05 32.13
CA GLN A 49 -23.91 -11.82 33.12
C GLN A 49 -23.77 -10.46 33.81
N GLU A 50 -22.74 -9.68 33.48
CA GLU A 50 -22.63 -8.31 33.94
C GLU A 50 -23.39 -7.33 33.08
N TRP A 51 -24.18 -7.80 32.12
CA TRP A 51 -24.77 -6.94 31.10
C TRP A 51 -26.27 -6.83 31.29
N ASP A 52 -26.80 -5.67 30.90
CA ASP A 52 -28.23 -5.40 31.08
C ASP A 52 -29.08 -6.17 30.07
N ILE A 53 -28.53 -6.54 28.92
CA ILE A 53 -29.24 -7.41 27.99
C ILE A 53 -29.28 -8.80 28.62
N PRO A 54 -30.46 -9.30 29.00
CA PRO A 54 -30.53 -10.61 29.63
C PRO A 54 -30.09 -11.70 28.67
N PHE A 55 -29.12 -12.50 29.10
CA PHE A 55 -28.43 -13.45 28.23
C PHE A 55 -28.63 -14.87 28.76
N GLU A 56 -29.23 -15.73 27.93
CA GLU A 56 -29.36 -17.14 28.25
C GLU A 56 -28.49 -18.02 27.34
N GLN A 57 -28.63 -17.90 26.03
CA GLN A 57 -27.88 -18.70 25.08
C GLN A 57 -27.45 -17.83 23.91
N LEU A 58 -26.33 -18.20 23.28
CA LEU A 58 -25.83 -17.50 22.11
C LEU A 58 -25.42 -18.54 21.08
N GLU A 59 -26.06 -18.51 19.91
CA GLU A 59 -25.71 -19.37 18.79
C GLU A 59 -24.82 -18.60 17.83
N ILE A 60 -23.74 -19.24 17.38
CA ILE A 60 -22.82 -18.64 16.42
C ILE A 60 -23.08 -19.29 15.06
N GLY A 61 -23.38 -18.46 14.07
CA GLY A 61 -23.74 -18.92 12.74
C GLY A 61 -22.58 -18.85 11.77
N GLU A 62 -22.90 -18.46 10.53
CA GLU A 62 -21.90 -18.39 9.48
C GLU A 62 -21.11 -17.10 9.58
N LEU A 63 -19.96 -17.08 8.90
CA LEU A 63 -19.17 -15.85 8.82
C LEU A 63 -19.87 -14.85 7.93
N ILE A 64 -19.90 -13.59 8.38
CA ILE A 64 -20.58 -12.56 7.59
C ILE A 64 -19.68 -12.03 6.50
N GLY A 65 -18.41 -11.81 6.80
CA GLY A 65 -17.48 -11.33 5.78
C GLY A 65 -16.06 -11.33 6.30
N LYS A 66 -15.14 -11.08 5.36
CA LYS A 66 -13.73 -10.95 5.71
C LYS A 66 -13.48 -9.60 6.36
N GLY A 67 -12.58 -9.59 7.35
CA GLY A 67 -12.24 -8.38 8.06
C GLY A 67 -10.89 -8.44 8.74
N ARG A 68 -10.18 -7.32 8.77
CA ARG A 68 -8.85 -7.31 9.36
C ARG A 68 -8.91 -7.62 10.86
N PHE A 69 -9.94 -7.13 11.54
CA PHE A 69 -10.03 -7.22 12.99
C PHE A 69 -11.02 -8.33 13.37
N GLY A 70 -10.49 -9.48 13.76
CA GLY A 70 -11.31 -10.59 14.19
C GLY A 70 -12.25 -11.11 13.13
N GLN A 71 -13.07 -12.09 13.49
CA GLN A 71 -14.07 -12.65 12.59
C GLN A 71 -15.45 -12.22 13.05
N VAL A 72 -16.33 -11.91 12.10
CA VAL A 72 -17.66 -11.41 12.38
C VAL A 72 -18.66 -12.45 11.88
N TYR A 73 -19.30 -13.15 12.80
CA TYR A 73 -20.24 -14.20 12.48
C TYR A 73 -21.67 -13.73 12.71
N HIS A 74 -22.60 -14.38 12.01
CA HIS A 74 -24.01 -14.28 12.37
C HIS A 74 -24.22 -14.87 13.76
N GLY A 75 -25.30 -14.43 14.41
CA GLY A 75 -25.58 -14.90 15.74
C GLY A 75 -27.07 -14.96 16.01
N ARG A 76 -27.42 -15.65 17.09
CA ARG A 76 -28.80 -15.74 17.57
C ARG A 76 -28.81 -15.50 19.07
N TRP A 77 -29.76 -14.69 19.52
CA TRP A 77 -29.86 -14.33 20.93
C TRP A 77 -31.28 -14.55 21.43
N GLY A 79 -33.53 -13.01 18.88
CA GLY A 79 -33.22 -12.25 17.69
C GLY A 79 -31.82 -12.46 17.16
N GLU A 80 -31.63 -12.23 15.87
CA GLU A 80 -30.31 -12.37 15.26
C GLU A 80 -29.37 -11.28 15.75
N VAL A 81 -28.08 -11.59 15.77
CA VAL A 81 -27.08 -10.71 16.35
C VAL A 81 -25.80 -10.83 15.54
N ALA A 82 -24.85 -9.93 15.79
CA ALA A 82 -23.55 -9.92 15.11
C ALA A 82 -22.46 -10.12 16.15
N ILE A 83 -21.76 -11.25 16.06
CA ILE A 83 -20.72 -11.61 17.00
C ILE A 83 -19.36 -11.40 16.35
N ARG A 84 -18.51 -10.63 17.01
CA ARG A 84 -17.13 -10.41 16.56
C ARG A 84 -16.19 -11.10 17.55
N LEU A 85 -15.57 -12.18 17.10
CA LEU A 85 -14.64 -12.93 17.94
C LEU A 85 -13.23 -12.38 17.75
N ILE A 86 -12.54 -12.12 18.86
CA ILE A 86 -11.20 -11.55 18.86
C ILE A 86 -10.30 -12.42 19.71
N ASP A 87 -9.02 -12.45 19.36
CA ASP A 87 -8.00 -13.16 20.13
C ASP A 87 -7.03 -12.14 20.71
N ILE A 88 -6.70 -12.30 21.98
CA ILE A 88 -5.67 -11.50 22.65
C ILE A 88 -4.53 -12.43 23.00
N GLU A 89 -3.30 -11.93 22.86
CA GLU A 89 -2.10 -12.74 23.05
C GLU A 89 -1.75 -12.94 24.52
N ARG A 90 -2.56 -12.40 25.43
CA ARG A 90 -2.35 -12.45 26.88
C ARG A 90 -1.12 -11.64 27.31
N ASP A 91 -0.64 -10.75 26.44
CA ASP A 91 0.33 -9.73 26.80
C ASP A 91 -0.36 -8.37 26.84
N ASN A 92 0.43 -7.34 27.12
CA ASN A 92 -0.09 -6.02 27.48
C ASN A 92 -1.40 -6.11 28.26
N GLU A 93 -1.35 -6.82 29.39
CA GLU A 93 -2.52 -6.97 30.25
C GLU A 93 -3.14 -5.64 30.62
N ASP A 94 -2.31 -4.62 30.86
CA ASP A 94 -2.84 -3.30 31.19
C ASP A 94 -3.56 -2.66 30.02
N GLN A 95 -3.21 -3.04 28.79
CA GLN A 95 -3.90 -2.50 27.63
C GLN A 95 -5.29 -3.12 27.48
N LEU A 96 -5.39 -4.43 27.72
CA LEU A 96 -6.72 -5.05 27.76
C LEU A 96 -7.46 -4.69 29.04
N LYS A 97 -6.72 -4.37 30.11
CA LYS A 97 -7.34 -3.76 31.28
C LYS A 97 -8.07 -2.47 30.91
N ALA A 98 -7.49 -1.71 29.97
CA ALA A 98 -8.19 -0.54 29.42
C ALA A 98 -9.23 -0.94 28.39
N PHE A 99 -9.02 -2.07 27.70
CA PHE A 99 -10.05 -2.59 26.81
C PHE A 99 -11.34 -2.88 27.58
N LYS A 100 -11.22 -3.41 28.80
CA LYS A 100 -12.41 -3.65 29.60
C LYS A 100 -13.09 -2.33 29.97
N ARG A 101 -12.30 -1.30 30.30
CA ARG A 101 -12.88 -0.01 30.61
C ARG A 101 -13.58 0.58 29.38
N GLU A 102 -12.97 0.48 28.21
CA GLU A 102 -13.60 0.98 27.00
C GLU A 102 -14.88 0.21 26.68
N VAL A 103 -14.92 -1.08 26.99
CA VAL A 103 -16.12 -1.87 26.75
C VAL A 103 -17.23 -1.45 27.70
N MET A 104 -16.90 -1.28 28.99
CA MET A 104 -17.90 -0.80 29.94
C MET A 104 -18.38 0.60 29.58
N ALA A 105 -17.56 1.37 28.87
CA ALA A 105 -18.03 2.65 28.34
C ALA A 105 -19.09 2.45 27.27
N TYR A 106 -18.93 1.40 26.45
CA TYR A 106 -19.93 1.09 25.44
C TYR A 106 -21.28 0.75 26.06
N ARG A 107 -21.28 0.24 27.30
CA ARG A 107 -22.52 -0.21 27.91
C ARG A 107 -23.51 0.93 28.09
N GLN A 108 -23.02 2.14 28.33
CA GLN A 108 -23.89 3.28 28.53
C GLN A 108 -24.36 3.92 27.22
N THR A 109 -24.15 3.25 26.10
CA THR A 109 -24.48 3.81 24.79
C THR A 109 -25.79 3.23 24.29
N ARG A 110 -26.65 4.09 23.77
CA ARG A 110 -27.87 3.67 23.08
C ARG A 110 -28.37 4.84 22.26
N HIS A 111 -28.45 4.66 20.94
CA HIS A 111 -28.80 5.74 20.04
C HIS A 111 -29.24 5.14 18.71
N GLU A 112 -30.26 5.75 18.10
CA GLU A 112 -30.87 5.18 16.90
C GLU A 112 -29.90 5.10 15.72
N ASN A 113 -28.86 5.93 15.71
CA ASN A 113 -27.89 5.96 14.62
C ASN A 113 -26.57 5.28 14.98
N VAL A 114 -26.53 4.58 16.11
CA VAL A 114 -25.33 3.89 16.57
C VAL A 114 -25.71 2.43 16.81
N VAL A 115 -24.87 1.51 16.32
CA VAL A 115 -25.18 0.10 16.46
C VAL A 115 -25.30 -0.25 17.93
N LEU A 116 -26.32 -1.04 18.25
CA LEU A 116 -26.62 -1.36 19.64
C LEU A 116 -25.57 -2.33 20.18
N PHE A 117 -24.69 -1.82 21.03
CA PHE A 117 -23.74 -2.69 21.71
C PHE A 117 -24.50 -3.51 22.76
N MET A 118 -24.49 -4.83 22.61
CA MET A 118 -25.33 -5.69 23.43
C MET A 118 -24.58 -6.44 24.51
N GLY A 119 -23.31 -6.73 24.32
CA GLY A 119 -22.55 -7.42 25.36
C GLY A 119 -21.15 -7.75 24.89
N ALA A 120 -20.33 -8.16 25.84
CA ALA A 120 -18.96 -8.57 25.57
C ALA A 120 -18.49 -9.48 26.69
N CYS A 121 -17.99 -10.66 26.32
CA CYS A 121 -17.46 -11.62 27.27
C CYS A 121 -16.01 -11.91 26.94
N MET A 122 -15.17 -11.97 27.97
CA MET A 122 -13.73 -12.18 27.81
C MET A 122 -13.31 -13.35 28.68
N SER A 123 -12.92 -14.44 28.03
CA SER A 123 -12.25 -15.57 28.67
C SER A 123 -10.92 -15.70 27.96
N PRO A 124 -9.89 -15.00 28.41
CA PRO A 124 -8.61 -14.99 27.68
C PRO A 124 -8.11 -16.39 27.42
N PRO A 125 -7.53 -16.64 26.23
CA PRO A 125 -7.15 -15.65 25.23
C PRO A 125 -8.27 -15.17 24.29
N HIS A 126 -9.50 -15.58 24.51
CA HIS A 126 -10.59 -15.32 23.58
C HIS A 126 -11.50 -14.22 24.11
N LEU A 127 -11.78 -13.24 23.25
CA LEU A 127 -12.71 -12.16 23.54
C LEU A 127 -13.82 -12.16 22.49
N ALA A 128 -14.94 -11.52 22.81
CA ALA A 128 -16.06 -11.48 21.89
C ALA A 128 -16.87 -10.22 22.13
N ILE A 129 -17.16 -9.49 21.05
CA ILE A 129 -17.98 -8.28 21.11
C ILE A 129 -19.27 -8.56 20.35
N ILE A 130 -20.39 -8.45 21.04
CA ILE A 130 -21.70 -8.81 20.50
C ILE A 130 -22.49 -7.51 20.32
N THR A 131 -22.78 -7.17 19.07
CA THR A 131 -23.58 -6.01 18.74
C THR A 131 -24.80 -6.43 17.93
N SER A 132 -25.79 -5.55 17.89
CA SER A 132 -26.97 -5.81 17.08
C SER A 132 -26.58 -6.02 15.62
N LEU A 133 -27.33 -6.90 14.94
CA LEU A 133 -27.07 -7.18 13.54
C LEU A 133 -27.73 -6.12 12.66
N CYS A 134 -26.96 -5.58 11.73
CA CYS A 134 -27.44 -4.58 10.80
C CYS A 134 -27.89 -5.26 9.53
N LYS A 135 -29.21 -5.24 9.28
CA LYS A 135 -29.70 -5.66 7.98
C LYS A 135 -29.55 -4.51 6.99
N GLY A 136 -29.49 -4.86 5.72
CA GLY A 136 -29.19 -3.95 4.64
C GLY A 136 -27.78 -4.13 4.12
N ARG A 137 -27.23 -3.04 3.60
CA ARG A 137 -25.93 -3.06 2.97
C ARG A 137 -25.06 -1.97 3.57
N THR A 138 -23.75 -2.21 3.54
CA THR A 138 -22.79 -1.20 3.94
C THR A 138 -22.90 -0.02 3.00
N LEU A 139 -22.62 1.17 3.54
CA LEU A 139 -22.59 2.36 2.71
C LEU A 139 -21.54 2.23 1.61
N TYR A 140 -20.47 1.46 1.87
CA TYR A 140 -19.49 1.16 0.82
C TYR A 140 -20.15 0.47 -0.37
N SER A 141 -20.96 -0.55 -0.09
CA SER A 141 -21.59 -1.30 -1.18
C SER A 141 -22.67 -0.48 -1.88
N VAL A 142 -23.40 0.35 -1.12
CA VAL A 142 -24.48 1.13 -1.69
C VAL A 142 -23.93 2.20 -2.63
N VAL A 143 -22.88 2.90 -2.20
CA VAL A 143 -22.33 4.01 -2.97
C VAL A 143 -21.74 3.52 -4.29
N ARG A 144 -21.26 2.29 -4.34
CA ARG A 144 -20.61 1.74 -5.53
C ARG A 144 -21.54 0.83 -6.33
N ASP A 145 -22.86 0.95 -6.16
CA ASP A 145 -23.82 0.15 -6.90
C ASP A 145 -24.45 1.00 -7.98
N ALA A 146 -24.44 0.49 -9.22
CA ALA A 146 -24.92 1.28 -10.35
C ALA A 146 -26.41 1.54 -10.25
N LYS A 147 -27.20 0.54 -9.82
CA LYS A 147 -28.64 0.69 -9.79
C LYS A 147 -29.08 1.70 -8.73
N ILE A 148 -28.32 1.84 -7.64
CA ILE A 148 -28.70 2.78 -6.59
C ILE A 148 -28.48 4.20 -7.07
N VAL A 149 -29.47 5.06 -6.86
CA VAL A 149 -29.41 6.47 -7.23
C VAL A 149 -29.22 7.29 -5.96
N LEU A 150 -28.29 8.24 -6.01
CA LEU A 150 -27.91 9.04 -4.83
C LEU A 150 -27.99 10.52 -5.19
N ASP A 151 -29.19 11.09 -5.14
CA ASP A 151 -29.35 12.51 -5.42
C ASP A 151 -28.75 13.34 -4.27
N VAL A 152 -28.69 14.65 -4.49
CA VAL A 152 -28.10 15.55 -3.50
C VAL A 152 -28.90 15.52 -2.20
N ASN A 153 -30.21 15.32 -2.28
CA ASN A 153 -31.03 15.37 -1.08
C ASN A 153 -30.78 14.16 -0.18
N LYS A 154 -30.67 12.97 -0.77
CA LYS A 154 -30.42 11.78 0.05
C LYS A 154 -29.02 11.80 0.64
N THR A 155 -28.03 12.32 -0.09
CA THR A 155 -26.69 12.44 0.46
C THR A 155 -26.65 13.43 1.62
N ARG A 156 -27.43 14.51 1.52
CA ARG A 156 -27.55 15.42 2.65
C ARG A 156 -28.15 14.71 3.85
N GLN A 157 -29.15 13.85 3.61
CA GLN A 157 -29.83 13.18 4.71
C GLN A 157 -28.97 12.07 5.31
N ILE A 158 -28.28 11.30 4.47
CA ILE A 158 -27.39 10.26 4.98
C ILE A 158 -26.29 10.88 5.84
N ALA A 159 -25.71 11.99 5.38
CA ALA A 159 -24.66 12.66 6.14
C ALA A 159 -25.19 13.14 7.47
N GLN A 160 -26.39 13.73 7.48
CA GLN A 160 -26.96 14.24 8.73
C GLN A 160 -27.17 13.12 9.75
N GLU A 161 -27.54 11.92 9.28
CA GLU A 161 -27.73 10.80 10.19
C GLU A 161 -26.42 10.40 10.84
N ILE A 162 -25.35 10.29 10.04
CA ILE A 162 -24.04 9.94 10.59
C ILE A 162 -23.57 11.02 11.57
N VAL A 163 -23.85 12.28 11.26
CA VAL A 163 -23.48 13.37 12.16
C VAL A 163 -24.23 13.25 13.48
N LYS A 164 -25.52 12.90 13.43
CA LYS A 164 -26.30 12.77 14.66
C LYS A 164 -25.74 11.67 15.55
N GLY A 165 -25.41 10.51 14.97
CA GLY A 165 -24.84 9.44 15.75
C GLY A 165 -23.48 9.80 16.33
N MET A 166 -22.62 10.42 15.51
CA MET A 166 -21.29 10.81 15.98
C MET A 166 -21.38 11.90 17.03
N GLY A 167 -22.34 12.83 16.88
CA GLY A 167 -22.55 13.83 17.92
C GLY A 167 -22.89 13.21 19.25
N TYR A 168 -23.70 12.14 19.22
CA TYR A 168 -24.00 11.41 20.44
C TYR A 168 -22.75 10.77 21.03
N LEU A 169 -21.98 10.08 20.18
CA LEU A 169 -20.78 9.39 20.67
C LEU A 169 -19.77 10.37 21.22
N HIS A 170 -19.65 11.55 20.60
CA HIS A 170 -18.77 12.58 21.14
C HIS A 170 -19.29 13.11 22.46
N ALA A 171 -20.61 13.35 22.54
CA ALA A 171 -21.20 13.83 23.80
C ALA A 171 -20.94 12.84 24.93
N LYS A 172 -21.03 11.54 24.64
CA LYS A 172 -20.69 10.52 25.62
C LYS A 172 -19.20 10.37 25.81
N GLY A 173 -18.38 11.16 25.12
CA GLY A 173 -16.94 11.09 25.26
C GLY A 173 -16.31 9.86 24.64
N ILE A 174 -16.80 9.43 23.48
CA ILE A 174 -16.31 8.23 22.81
C ILE A 174 -15.84 8.61 21.41
N LEU A 175 -14.64 8.17 21.06
CA LEU A 175 -14.04 8.46 19.77
C LEU A 175 -14.11 7.22 18.89
N HIS A 176 -14.55 7.41 17.64
CA HIS A 176 -14.82 6.28 16.76
C HIS A 176 -13.55 5.83 16.03
N LYS A 177 -12.72 6.78 15.63
CA LYS A 177 -11.39 6.63 15.04
C LYS A 177 -11.23 5.58 13.95
N ASP A 178 -12.32 5.05 13.39
CA ASP A 178 -12.21 4.19 12.22
C ASP A 178 -13.50 4.34 11.39
N LEU A 179 -13.90 5.58 11.16
CA LEU A 179 -15.12 5.86 10.41
C LEU A 179 -14.87 5.68 8.92
N LYS A 180 -15.59 4.75 8.31
CA LYS A 180 -15.50 4.50 6.88
C LYS A 180 -16.88 4.13 6.37
N SER A 181 -17.02 4.05 5.05
CA SER A 181 -18.28 3.60 4.49
C SER A 181 -18.49 2.10 4.67
N LYS A 182 -17.45 1.35 5.06
CA LYS A 182 -17.62 -0.05 5.42
C LYS A 182 -18.08 -0.22 6.86
N ASN A 183 -18.09 0.85 7.66
CA ASN A 183 -18.58 0.80 9.03
C ASN A 183 -19.84 1.65 9.22
N VAL A 184 -20.58 1.87 8.14
CA VAL A 184 -21.89 2.53 8.17
C VAL A 184 -22.84 1.69 7.34
N PHE A 185 -24.01 1.39 7.90
CA PHE A 185 -24.98 0.53 7.24
C PHE A 185 -26.23 1.33 6.87
N TYR A 186 -26.80 1.01 5.71
CA TYR A 186 -27.90 1.76 5.12
C TYR A 186 -28.96 0.77 4.65
N ASP A 187 -30.13 0.80 5.29
CA ASP A 187 -31.26 -0.07 4.93
C ASP A 187 -32.48 0.81 4.69
N ASN A 188 -32.64 1.25 3.44
CA ASN A 188 -33.80 2.02 2.99
C ASN A 188 -34.08 3.20 3.92
N GLY A 189 -33.06 4.04 4.09
CA GLY A 189 -33.16 5.24 4.90
C GLY A 189 -32.68 5.11 6.33
N LYS A 190 -32.46 3.89 6.80
CA LYS A 190 -31.96 3.67 8.15
C LYS A 190 -30.44 3.63 8.13
N VAL A 191 -29.80 4.55 8.85
CA VAL A 191 -28.35 4.72 8.83
C VAL A 191 -27.83 4.47 10.24
N VAL A 192 -26.90 3.52 10.36
CA VAL A 192 -26.34 3.11 11.64
C VAL A 192 -24.82 3.11 11.55
N ILE A 193 -24.16 3.51 12.63
CA ILE A 193 -22.71 3.54 12.72
C ILE A 193 -22.24 2.29 13.45
N THR A 194 -21.08 1.77 13.04
CA THR A 194 -20.58 0.49 13.53
C THR A 194 -19.09 0.62 13.82
N ASP A 195 -18.60 -0.22 14.75
CA ASP A 195 -17.17 -0.43 14.98
C ASP A 195 -16.50 0.77 15.62
N PHE A 196 -17.22 1.50 16.47
CA PHE A 196 -16.63 2.67 17.12
C PHE A 196 -15.68 2.24 18.22
N GLY A 197 -14.52 2.89 18.27
CA GLY A 197 -13.52 2.64 19.29
C GLY A 197 -12.74 1.36 19.15
N LEU A 198 -13.07 0.50 18.18
CA LEU A 198 -12.35 -0.77 18.06
C LEU A 198 -10.90 -0.56 17.64
N PHE A 199 -10.60 0.54 16.96
CA PHE A 199 -9.29 0.71 16.34
C PHE A 199 -8.18 0.79 17.39
N SER A 200 -8.49 1.27 18.60
CA SER A 200 -7.48 1.38 19.64
C SER A 200 -6.90 0.02 20.00
N ILE A 201 -7.75 -0.99 20.15
CA ILE A 201 -7.32 -2.33 20.53
C ILE A 201 -7.23 -3.24 19.31
N SER A 202 -7.19 -2.67 18.10
CA SER A 202 -7.41 -3.46 16.89
C SER A 202 -6.19 -4.28 16.52
N GLY A 203 -5.04 -3.63 16.35
CA GLY A 203 -3.88 -4.36 15.88
C GLY A 203 -3.87 -4.61 14.40
N VAL A 204 -4.53 -3.76 13.61
CA VAL A 204 -4.56 -3.92 12.17
C VAL A 204 -3.27 -3.51 11.47
N LEU A 205 -2.26 -3.04 12.21
CA LEU A 205 -0.97 -2.65 11.64
C LEU A 205 0.15 -3.65 11.94
N GLN A 206 0.02 -4.42 13.00
CA GLN A 206 0.98 -5.47 13.34
C GLN A 206 2.40 -4.94 13.51
N ARG A 210 5.48 -6.58 8.13
CA ARG A 210 6.86 -6.78 7.69
C ARG A 210 7.82 -6.01 8.60
N GLU A 211 9.11 -6.31 8.47
CA GLU A 211 10.14 -5.65 9.27
C GLU A 211 10.34 -4.23 8.75
N ASP A 212 10.10 -3.24 9.62
CA ASP A 212 10.27 -1.82 9.28
C ASP A 212 9.42 -1.44 8.06
N LYS A 213 8.20 -1.95 8.02
CA LYS A 213 7.29 -1.67 6.91
C LYS A 213 5.86 -1.72 7.44
N LEU A 214 5.16 -0.59 7.37
CA LEU A 214 3.82 -0.49 7.92
C LEU A 214 2.77 -0.80 6.86
N ARG A 215 1.72 -1.49 7.28
CA ARG A 215 0.68 -1.98 6.37
C ARG A 215 -0.42 -0.93 6.23
N ILE A 216 -0.68 -0.51 4.99
CA ILE A 216 -1.73 0.45 4.67
C ILE A 216 -2.72 -0.24 3.75
N GLN A 217 -4.00 -0.25 4.14
CA GLN A 217 -5.01 -0.71 3.21
C GLN A 217 -5.54 0.46 2.39
N ASN A 218 -6.23 0.12 1.30
CA ASN A 218 -6.53 1.07 0.23
C ASN A 218 -7.18 2.35 0.74
N GLY A 219 -8.29 2.21 1.45
CA GLY A 219 -9.06 3.37 1.85
C GLY A 219 -8.72 3.99 3.18
N TRP A 220 -7.71 3.48 3.89
CA TRP A 220 -7.46 3.95 5.25
C TRP A 220 -6.89 5.36 5.27
N LEU A 221 -5.90 5.63 4.42
CA LEU A 221 -5.16 6.89 4.51
C LEU A 221 -6.06 8.09 4.25
N CYS A 222 -6.97 7.99 3.27
CA CYS A 222 -7.78 9.14 2.88
C CYS A 222 -8.79 9.55 3.94
N HIS A 223 -8.94 8.77 5.02
CA HIS A 223 -9.79 9.15 6.13
C HIS A 223 -9.02 9.82 7.27
N LEU A 224 -7.69 9.76 7.26
CA LEU A 224 -6.87 10.25 8.35
C LEU A 224 -6.60 11.73 8.19
N ALA A 225 -6.85 12.51 9.24
CA ALA A 225 -6.54 13.93 9.24
C ALA A 225 -5.03 14.13 9.13
N PRO A 226 -4.59 15.32 8.68
CA PRO A 226 -3.15 15.52 8.45
C PRO A 226 -2.29 15.32 9.69
N GLU A 227 -2.78 15.69 10.87
CA GLU A 227 -1.98 15.50 12.07
C GLU A 227 -1.70 14.02 12.32
N ILE A 228 -2.61 13.14 11.92
CA ILE A 228 -2.37 11.70 12.06
C ILE A 228 -1.45 11.20 10.94
N ILE A 229 -1.65 11.71 9.72
CA ILE A 229 -0.84 11.26 8.59
C ILE A 229 0.63 11.57 8.83
N ARG A 230 0.92 12.73 9.41
CA ARG A 230 2.30 13.12 9.68
C ARG A 230 2.95 12.28 10.77
N GLN A 231 2.17 11.50 11.52
CA GLN A 231 2.71 10.67 12.59
C GLN A 231 3.04 9.25 12.13
N LEU A 232 2.57 8.83 10.97
CA LEU A 232 2.67 7.44 10.57
C LEU A 232 4.13 7.00 10.41
N SER A 233 4.43 5.82 10.94
CA SER A 233 5.77 5.27 10.98
C SER A 233 5.67 3.75 10.99
N PRO A 234 6.69 3.05 10.51
CA PRO A 234 6.59 1.57 10.46
C PRO A 234 6.41 0.92 11.83
N ASP A 235 6.75 1.60 12.92
CA ASP A 235 6.51 1.08 14.26
C ASP A 235 5.57 1.99 15.06
N THR A 236 4.66 2.68 14.37
CA THR A 236 3.57 3.36 15.05
C THR A 236 2.48 2.36 15.38
N GLU A 237 1.78 2.60 16.49
CA GLU A 237 0.75 1.69 16.94
C GLU A 237 -0.56 2.43 17.14
N GLU A 238 -1.66 1.69 17.03
CA GLU A 238 -2.99 2.27 17.05
C GLU A 238 -3.35 2.87 18.41
N ASP A 239 -2.83 2.28 19.49
CA ASP A 239 -3.15 2.79 20.83
C ASP A 239 -2.53 4.17 21.07
N LYS A 240 -1.41 4.49 20.41
CA LYS A 240 -0.75 5.76 20.64
C LYS A 240 -0.80 6.66 19.40
N LEU A 241 -1.97 6.75 18.76
CA LEU A 241 -2.11 7.70 17.67
C LEU A 241 -2.97 8.88 18.10
N PRO A 242 -2.61 10.10 17.68
CA PRO A 242 -3.31 11.29 18.19
C PRO A 242 -4.71 11.45 17.62
N PHE A 243 -5.62 10.55 17.97
CA PHE A 243 -7.00 10.70 17.56
C PHE A 243 -7.70 11.75 18.41
N SER A 244 -8.74 12.36 17.82
CA SER A 244 -9.49 13.42 18.49
C SER A 244 -10.86 13.51 17.83
N LYS A 245 -11.71 14.36 18.41
CA LYS A 245 -12.99 14.65 17.78
C LYS A 245 -12.79 15.31 16.42
N HIS A 246 -11.72 16.08 16.26
CA HIS A 246 -11.45 16.71 14.97
C HIS A 246 -11.05 15.67 13.92
N SER A 247 -10.35 14.62 14.33
CA SER A 247 -9.99 13.56 13.39
C SER A 247 -11.22 12.82 12.90
N ASP A 248 -12.21 12.63 13.78
CA ASP A 248 -13.44 11.99 13.35
C ASP A 248 -14.23 12.88 12.41
N VAL A 249 -14.18 14.20 12.62
CA VAL A 249 -14.83 15.13 11.71
C VAL A 249 -14.16 15.07 10.34
N PHE A 250 -12.83 14.93 10.32
CA PHE A 250 -12.12 14.76 9.07
C PHE A 250 -12.56 13.48 8.35
N ALA A 251 -12.69 12.39 9.10
CA ALA A 251 -13.13 11.13 8.50
C ALA A 251 -14.52 11.27 7.90
N LEU A 252 -15.39 12.07 8.52
CA LEU A 252 -16.71 12.31 7.95
C LEU A 252 -16.61 13.11 6.67
N GLY A 253 -15.67 14.06 6.62
CA GLY A 253 -15.45 14.82 5.39
C GLY A 253 -15.07 13.92 4.23
N THR A 254 -14.29 12.87 4.51
CA THR A 254 -13.99 11.89 3.48
C THR A 254 -15.26 11.19 3.00
N ILE A 255 -16.15 10.84 3.93
CA ILE A 255 -17.40 10.20 3.55
C ILE A 255 -18.28 11.14 2.74
N TRP A 256 -18.26 12.44 3.07
CA TRP A 256 -19.04 13.40 2.31
C TRP A 256 -18.54 13.48 0.88
N TYR A 257 -17.22 13.49 0.68
CA TYR A 257 -16.68 13.38 -0.67
C TYR A 257 -17.09 12.08 -1.31
N GLU A 258 -17.04 10.97 -0.56
CA GLU A 258 -17.41 9.67 -1.11
C GLU A 258 -18.87 9.62 -1.51
N LEU A 259 -19.72 10.39 -0.83
CA LEU A 259 -21.16 10.33 -1.14
C LEU A 259 -21.44 10.92 -2.52
N HIS A 260 -20.70 11.95 -2.92
CA HIS A 260 -20.95 12.65 -4.17
C HIS A 260 -20.10 12.15 -5.33
N ALA A 261 -18.79 11.98 -5.11
CA ALA A 261 -17.96 11.36 -6.14
C ALA A 261 -18.24 9.88 -6.29
N ARG A 262 -18.82 9.26 -5.27
CA ARG A 262 -19.11 7.82 -5.25
C ARG A 262 -17.84 7.01 -5.49
N GLU A 263 -16.75 7.48 -4.90
CA GLU A 263 -15.45 6.82 -4.84
C GLU A 263 -14.58 7.60 -3.87
N TRP A 264 -13.60 6.91 -3.29
CA TRP A 264 -12.72 7.55 -2.32
C TRP A 264 -11.89 8.66 -2.99
N PRO A 265 -11.47 9.67 -2.22
CA PRO A 265 -10.50 10.63 -2.75
C PRO A 265 -9.14 9.97 -2.91
N PHE A 266 -8.34 10.55 -3.82
CA PHE A 266 -7.02 10.03 -4.12
C PHE A 266 -7.10 8.58 -4.60
N LYS A 267 -8.14 8.28 -5.37
CA LYS A 267 -8.36 6.91 -5.84
C LYS A 267 -7.23 6.47 -6.76
N THR A 268 -6.72 7.37 -7.60
CA THR A 268 -5.73 6.99 -8.59
C THR A 268 -4.37 6.72 -7.97
N GLN A 269 -4.06 7.37 -6.85
CA GLN A 269 -2.66 7.53 -6.49
C GLN A 269 -2.23 6.54 -5.41
N PRO A 270 -0.93 6.20 -5.38
CA PRO A 270 -0.44 5.24 -4.37
C PRO A 270 -0.39 5.80 -2.97
N ALA A 271 0.03 4.96 -2.01
CA ALA A 271 -0.06 5.34 -0.61
C ALA A 271 0.92 6.46 -0.26
N GLU A 272 2.15 6.39 -0.77
CA GLU A 272 3.15 7.41 -0.44
C GLU A 272 2.73 8.78 -0.96
N ALA A 273 2.20 8.83 -2.17
CA ALA A 273 1.71 10.10 -2.71
C ALA A 273 0.57 10.65 -1.86
N ILE A 274 -0.31 9.76 -1.37
CA ILE A 274 -1.42 10.19 -0.53
C ILE A 274 -0.91 10.74 0.80
N ILE A 275 0.09 10.09 1.37
CA ILE A 275 0.64 10.53 2.66
C ILE A 275 1.19 11.95 2.55
N TRP A 276 1.98 12.21 1.51
CA TRP A 276 2.58 13.53 1.37
C TRP A 276 1.53 14.58 1.03
N GLN A 277 0.66 14.30 0.06
CA GLN A 277 -0.32 15.28 -0.37
C GLN A 277 -1.26 15.66 0.77
N MET A 278 -1.70 14.68 1.56
CA MET A 278 -2.57 14.98 2.69
C MET A 278 -1.81 15.64 3.83
N GLY A 279 -0.52 15.31 3.98
CA GLY A 279 0.24 15.89 5.07
C GLY A 279 0.54 17.36 4.86
N THR A 280 0.72 17.78 3.61
CA THR A 280 0.95 19.18 3.29
C THR A 280 -0.35 19.93 3.04
N GLY A 281 -1.50 19.29 3.16
CA GLY A 281 -2.75 20.00 3.11
C GLY A 281 -3.44 20.05 1.78
N MET A 282 -3.02 19.24 0.81
CA MET A 282 -3.66 19.22 -0.50
C MET A 282 -4.90 18.32 -0.45
N LYS A 283 -6.04 18.88 -0.86
CA LYS A 283 -7.31 18.17 -0.81
C LYS A 283 -8.11 18.43 -2.07
N PRO A 284 -8.84 17.42 -2.56
CA PRO A 284 -9.65 17.63 -3.77
C PRO A 284 -10.90 18.45 -3.50
N ASN A 285 -11.63 18.75 -4.57
CA ASN A 285 -12.93 19.42 -4.49
C ASN A 285 -13.91 18.67 -5.37
N LEU A 286 -15.17 19.10 -5.36
CA LEU A 286 -16.23 18.42 -6.09
C LEU A 286 -16.71 19.21 -7.31
N SER A 287 -15.96 20.22 -7.74
CA SER A 287 -16.41 21.03 -8.87
C SER A 287 -16.26 20.29 -10.19
N GLN A 288 -15.30 19.35 -10.28
CA GLN A 288 -15.11 18.63 -11.54
C GLN A 288 -16.28 17.73 -11.88
N ILE A 289 -17.22 17.51 -10.95
CA ILE A 289 -18.46 16.80 -11.23
C ILE A 289 -19.67 17.73 -11.14
N GLY A 290 -19.44 19.04 -11.06
CA GLY A 290 -20.54 19.99 -11.12
C GLY A 290 -21.30 20.17 -9.83
N MET A 291 -20.63 20.06 -8.68
CA MET A 291 -21.29 20.26 -7.39
C MET A 291 -21.13 21.72 -6.96
N GLY A 292 -22.21 22.28 -6.42
CA GLY A 292 -22.22 23.68 -6.05
C GLY A 292 -21.27 24.00 -4.92
N LYS A 293 -21.13 25.30 -4.66
CA LYS A 293 -20.25 25.76 -3.59
C LYS A 293 -20.74 25.27 -2.23
N GLU A 294 -22.06 25.17 -2.05
CA GLU A 294 -22.62 24.69 -0.79
C GLU A 294 -22.08 23.33 -0.44
N ILE A 295 -22.04 22.41 -1.41
CA ILE A 295 -21.57 21.05 -1.17
C ILE A 295 -20.05 20.99 -1.05
N SER A 296 -19.34 21.96 -1.65
CA SER A 296 -17.89 21.99 -1.54
C SER A 296 -17.41 22.63 -0.25
N ASP A 297 -18.17 23.59 0.29
CA ASP A 297 -17.80 24.20 1.56
C ASP A 297 -17.79 23.17 2.70
N ILE A 298 -18.62 22.13 2.59
CA ILE A 298 -18.62 21.08 3.61
C ILE A 298 -17.23 20.45 3.70
N LEU A 299 -16.63 20.13 2.56
CA LEU A 299 -15.28 19.57 2.56
C LEU A 299 -14.27 20.58 3.08
N LEU A 300 -14.38 21.84 2.64
CA LEU A 300 -13.41 22.86 3.05
C LEU A 300 -13.36 23.01 4.56
N PHE A 301 -14.51 22.86 5.23
CA PHE A 301 -14.55 22.97 6.69
C PHE A 301 -14.09 21.67 7.35
N CYS A 302 -14.63 20.53 6.90
CA CYS A 302 -14.31 19.25 7.53
C CYS A 302 -12.84 18.88 7.31
N TRP A 303 -12.29 19.19 6.15
CA TRP A 303 -10.93 18.82 5.80
C TRP A 303 -9.92 19.90 6.16
N ALA A 304 -10.32 20.90 6.95
CA ALA A 304 -9.43 22.00 7.29
C ALA A 304 -8.12 21.48 7.86
N PHE A 305 -7.01 22.07 7.40
CA PHE A 305 -5.69 21.59 7.79
C PHE A 305 -5.46 21.74 9.28
N GLU A 306 -5.83 22.89 9.84
CA GLU A 306 -5.70 23.10 11.27
C GLU A 306 -6.89 22.48 11.99
N GLN A 307 -6.61 21.72 13.05
CA GLN A 307 -7.66 21.00 13.77
C GLN A 307 -8.78 21.94 14.21
N GLU A 308 -8.41 23.06 14.83
CA GLU A 308 -9.39 23.94 15.46
C GLU A 308 -10.34 24.59 14.45
N GLU A 309 -9.99 24.59 13.17
CA GLU A 309 -10.88 25.13 12.15
C GLU A 309 -11.96 24.15 11.73
N ARG A 310 -11.86 22.89 12.13
CA ARG A 310 -12.89 21.90 11.81
C ARG A 310 -14.08 22.06 12.76
N PRO A 311 -15.30 22.01 12.24
CA PRO A 311 -16.47 22.19 13.10
C PRO A 311 -16.72 20.97 13.97
N THR A 312 -17.47 21.19 15.04
CA THR A 312 -18.02 20.08 15.79
C THR A 312 -19.19 19.48 15.03
N PHE A 313 -19.66 18.33 15.49
CA PHE A 313 -20.75 17.66 14.78
C PHE A 313 -22.06 18.42 14.90
N THR A 314 -22.31 19.06 16.05
CA THR A 314 -23.51 19.89 16.18
C THR A 314 -23.49 21.03 15.18
N LYS A 315 -22.35 21.73 15.07
CA LYS A 315 -22.22 22.79 14.07
C LYS A 315 -22.29 22.21 12.66
N LEU A 316 -21.71 21.04 12.46
CA LEU A 316 -21.77 20.40 11.14
C LEU A 316 -23.20 20.05 10.78
N MET A 317 -24.01 19.65 11.76
CA MET A 317 -25.42 19.38 11.52
C MET A 317 -26.14 20.65 11.07
N ASP A 318 -25.82 21.78 11.68
CA ASP A 318 -26.35 23.06 11.22
C ASP A 318 -25.97 23.33 9.77
N MET A 319 -24.70 23.13 9.44
CA MET A 319 -24.23 23.40 8.08
C MET A 319 -24.97 22.55 7.05
N LEU A 320 -25.21 21.28 7.37
CA LEU A 320 -25.89 20.40 6.44
C LEU A 320 -27.38 20.70 6.33
N GLU A 321 -27.97 21.35 7.34
CA GLU A 321 -29.37 21.74 7.27
C GLU A 321 -29.62 22.82 6.23
N LYS A 322 -28.59 23.61 5.89
CA LYS A 322 -28.75 24.80 5.07
C LYS A 322 -28.38 24.56 3.61
N LEU A 323 -28.34 23.31 3.18
CA LEU A 323 -28.11 23.00 1.77
C LEU A 323 -29.41 23.06 0.99
N PRO A 324 -29.33 23.31 -0.32
CA PRO A 324 -30.53 23.24 -1.17
C PRO A 324 -31.05 21.82 -1.34
N GLU B 32 20.01 -3.79 -27.81
CA GLU B 32 18.99 -4.29 -28.73
C GLU B 32 19.54 -5.43 -29.57
N LEU B 33 20.86 -5.58 -29.60
CA LEU B 33 21.51 -6.57 -30.44
C LEU B 33 22.65 -7.24 -29.70
N ASP B 34 22.78 -8.55 -29.90
CA ASP B 34 23.89 -9.38 -29.44
C ASP B 34 23.59 -10.82 -29.85
N GLU B 35 24.62 -11.63 -30.03
CA GLU B 35 24.42 -13.03 -30.40
C GLU B 35 24.46 -13.96 -29.20
N GLN B 36 25.39 -13.76 -28.26
CA GLN B 36 25.41 -14.56 -27.05
C GLN B 36 24.14 -14.35 -26.23
N GLN B 37 23.62 -13.12 -26.20
CA GLN B 37 22.35 -12.87 -25.53
C GLN B 37 21.20 -13.49 -26.28
N ARG B 38 21.26 -13.51 -27.62
CA ARG B 38 20.28 -14.25 -28.41
C ARG B 38 20.46 -15.76 -28.27
N LYS B 39 21.65 -16.22 -27.87
CA LYS B 39 21.90 -17.65 -27.75
C LYS B 39 21.01 -18.28 -26.68
N ARG B 40 20.96 -17.66 -25.50
CA ARG B 40 20.19 -18.23 -24.40
C ARG B 40 18.73 -17.79 -24.38
N LEU B 41 18.40 -16.64 -24.98
CA LEU B 41 17.01 -16.20 -24.96
C LEU B 41 16.13 -17.08 -25.83
N GLU B 42 16.67 -17.62 -26.92
CA GLU B 42 15.92 -18.58 -27.71
C GLU B 42 15.90 -19.94 -27.04
N ALA B 43 17.01 -20.34 -26.40
CA ALA B 43 17.01 -21.54 -25.58
C ALA B 43 16.00 -21.43 -24.45
N PHE B 44 15.76 -20.20 -23.96
CA PHE B 44 14.66 -19.97 -23.04
C PHE B 44 13.32 -20.32 -23.69
N LEU B 45 13.15 -19.97 -24.96
CA LEU B 45 11.92 -20.31 -25.69
C LEU B 45 11.84 -21.77 -26.07
N THR B 46 12.97 -22.50 -26.04
CA THR B 46 12.90 -23.95 -26.14
C THR B 46 12.35 -24.56 -24.85
N GLN B 47 12.79 -24.04 -23.70
CA GLN B 47 12.20 -24.43 -22.43
C GLN B 47 10.76 -23.94 -22.28
N LYS B 48 10.33 -23.01 -23.14
CA LYS B 48 8.98 -22.49 -23.11
C LYS B 48 7.95 -23.51 -23.56
N GLN B 49 8.36 -24.52 -24.32
CA GLN B 49 7.39 -25.41 -24.97
C GLN B 49 6.64 -26.26 -23.96
N LYS B 50 7.34 -26.81 -22.97
CA LYS B 50 6.72 -27.72 -22.01
C LYS B 50 6.12 -27.01 -20.81
N VAL B 51 6.13 -25.67 -20.79
CA VAL B 51 5.50 -24.98 -19.67
C VAL B 51 3.98 -25.15 -19.73
N GLY B 52 3.42 -25.21 -20.93
CA GLY B 52 1.99 -25.39 -21.15
C GLY B 52 1.10 -24.59 -20.23
N GLU B 53 0.39 -25.28 -19.34
CA GLU B 53 -0.41 -24.67 -18.29
C GLU B 53 0.16 -25.08 -16.94
N LEU B 54 -0.24 -24.34 -15.90
CA LEU B 54 0.37 -24.49 -14.59
C LEU B 54 -0.70 -24.48 -13.51
N LYS B 55 -0.53 -25.35 -12.51
CA LYS B 55 -1.41 -25.36 -11.35
C LYS B 55 -0.56 -25.74 -10.13
N ASP B 56 -1.15 -25.56 -8.94
CA ASP B 56 -0.38 -25.62 -7.69
C ASP B 56 0.32 -26.96 -7.53
N ASP B 57 -0.42 -28.06 -7.70
CA ASP B 57 0.14 -29.39 -7.44
C ASP B 57 1.32 -29.74 -8.36
N ASP B 58 1.59 -28.92 -9.38
CA ASP B 58 2.79 -29.11 -10.17
C ASP B 58 4.05 -28.77 -9.38
N PHE B 59 3.92 -28.05 -8.26
CA PHE B 59 5.04 -27.40 -7.61
C PHE B 59 5.30 -27.98 -6.23
N GLU B 60 6.58 -28.14 -5.90
CA GLU B 60 7.04 -28.51 -4.57
C GLU B 60 7.89 -27.38 -4.02
N LYS B 61 7.54 -26.89 -2.84
CA LYS B 61 8.28 -25.79 -2.24
C LYS B 61 9.73 -26.18 -1.97
N ILE B 62 10.66 -25.47 -2.60
CA ILE B 62 12.08 -25.72 -2.38
C ILE B 62 12.63 -24.83 -1.27
N SER B 63 12.44 -23.52 -1.38
CA SER B 63 12.95 -22.60 -0.36
C SER B 63 12.22 -21.26 -0.48
N GLU B 64 12.35 -20.48 0.59
CA GLU B 64 11.80 -19.12 0.64
C GLU B 64 12.90 -18.12 0.30
N LEU B 65 12.55 -17.13 -0.52
CA LEU B 65 13.54 -16.13 -0.92
C LEU B 65 13.36 -14.84 -0.12
N VAL B 72 4.43 -13.03 -1.54
CA VAL B 72 5.66 -13.69 -1.12
C VAL B 72 6.12 -14.65 -2.22
N VAL B 73 7.42 -14.67 -2.48
CA VAL B 73 7.99 -15.49 -3.54
C VAL B 73 8.56 -16.76 -2.94
N PHE B 74 8.65 -17.80 -3.77
CA PHE B 74 9.22 -19.08 -3.38
C PHE B 74 9.95 -19.68 -4.57
N LYS B 75 11.10 -20.31 -4.29
CA LYS B 75 11.74 -21.17 -5.27
C LYS B 75 11.06 -22.52 -5.23
N VAL B 76 10.63 -23.00 -6.39
CA VAL B 76 9.79 -24.19 -6.48
C VAL B 76 10.37 -25.16 -7.51
N SER B 77 10.01 -26.43 -7.35
CA SER B 77 10.41 -27.48 -8.28
C SER B 77 9.19 -27.91 -9.10
N HIS B 78 9.26 -27.69 -10.41
CA HIS B 78 8.21 -28.11 -11.31
C HIS B 78 8.49 -29.55 -11.74
N LYS B 79 7.43 -30.36 -11.81
CA LYS B 79 7.60 -31.78 -12.09
C LYS B 79 7.10 -32.17 -13.48
N PRO B 80 5.98 -31.58 -13.99
CA PRO B 80 5.63 -31.81 -15.40
C PRO B 80 6.76 -31.44 -16.36
N SER B 81 7.66 -30.55 -15.93
CA SER B 81 8.86 -30.25 -16.67
C SER B 81 9.97 -29.89 -15.69
N GLY B 82 11.20 -30.28 -16.03
CA GLY B 82 12.30 -30.22 -15.09
C GLY B 82 12.77 -28.86 -14.63
N LEU B 83 12.11 -27.79 -15.09
CA LEU B 83 12.52 -26.44 -14.71
C LEU B 83 12.31 -26.19 -13.23
N VAL B 84 13.31 -25.56 -12.60
CA VAL B 84 13.16 -25.00 -11.27
C VAL B 84 12.81 -23.53 -11.43
N MET B 85 11.71 -23.12 -10.79
CA MET B 85 11.08 -21.84 -11.11
C MET B 85 10.92 -21.01 -9.84
N ALA B 86 10.58 -19.74 -10.05
CA ALA B 86 10.26 -18.81 -8.97
C ALA B 86 8.80 -18.39 -9.13
N ARG B 87 7.96 -18.82 -8.20
CA ARG B 87 6.52 -18.57 -8.25
C ARG B 87 6.15 -17.60 -7.14
N LYS B 88 5.54 -16.48 -7.52
CA LYS B 88 5.22 -15.39 -6.61
C LYS B 88 3.72 -15.36 -6.37
N LEU B 89 3.32 -15.41 -5.10
CA LEU B 89 1.92 -15.50 -4.71
C LEU B 89 1.46 -14.17 -4.13
N ILE B 90 0.37 -13.63 -4.68
CA ILE B 90 -0.22 -12.37 -4.24
C ILE B 90 -1.65 -12.65 -3.82
N HIS B 91 -1.97 -12.41 -2.55
CA HIS B 91 -3.24 -12.81 -1.96
C HIS B 91 -4.30 -11.74 -2.23
N LEU B 92 -5.25 -12.06 -3.12
CA LEU B 92 -6.35 -11.16 -3.48
C LEU B 92 -7.62 -11.97 -3.62
N GLU B 93 -8.74 -11.41 -3.17
CA GLU B 93 -10.05 -12.01 -3.34
C GLU B 93 -10.94 -11.06 -4.12
N ILE B 94 -11.53 -11.55 -5.21
CA ILE B 94 -12.39 -10.76 -6.07
C ILE B 94 -13.19 -11.71 -6.97
N LYS B 95 -14.19 -11.18 -7.67
CA LYS B 95 -15.04 -12.01 -8.51
C LYS B 95 -14.22 -12.66 -9.63
N PRO B 96 -14.74 -13.76 -10.20
CA PRO B 96 -13.92 -14.50 -11.19
C PRO B 96 -13.57 -13.70 -12.43
N ALA B 97 -14.51 -12.92 -12.96
CA ALA B 97 -14.25 -12.23 -14.22
C ALA B 97 -13.18 -11.16 -14.09
N ILE B 98 -13.04 -10.57 -12.90
CA ILE B 98 -12.07 -9.50 -12.72
C ILE B 98 -10.65 -10.06 -12.78
N ARG B 99 -10.39 -11.14 -12.06
CA ARG B 99 -9.06 -11.75 -12.12
C ARG B 99 -8.79 -12.43 -13.45
N ASN B 100 -9.85 -12.82 -14.18
CA ASN B 100 -9.64 -13.27 -15.55
C ASN B 100 -9.15 -12.12 -16.43
N GLN B 101 -9.68 -10.91 -16.20
CA GLN B 101 -9.12 -9.72 -16.83
C GLN B 101 -7.67 -9.49 -16.42
N ILE B 102 -7.32 -9.87 -15.18
CA ILE B 102 -5.93 -9.77 -14.74
C ILE B 102 -5.05 -10.68 -15.57
N ILE B 103 -5.48 -11.93 -15.74
CA ILE B 103 -4.64 -12.91 -16.45
C ILE B 103 -4.49 -12.51 -17.92
N ARG B 104 -5.55 -12.01 -18.55
CA ARG B 104 -5.42 -11.48 -19.90
C ARG B 104 -4.35 -10.41 -19.98
N GLU B 105 -4.33 -9.50 -18.99
CA GLU B 105 -3.32 -8.45 -18.98
C GLU B 105 -1.93 -9.02 -18.64
N LEU B 106 -1.89 -10.11 -17.87
CA LEU B 106 -0.60 -10.66 -17.46
C LEU B 106 0.03 -11.53 -18.55
N GLN B 107 -0.78 -12.10 -19.44
CA GLN B 107 -0.23 -12.94 -20.50
C GLN B 107 0.58 -12.16 -21.51
N VAL B 108 0.51 -10.82 -21.48
CA VAL B 108 1.37 -10.01 -22.33
C VAL B 108 2.84 -10.27 -22.05
N LEU B 109 3.16 -10.74 -20.84
CA LEU B 109 4.55 -11.01 -20.49
C LEU B 109 5.13 -12.18 -21.27
N HIS B 110 4.29 -13.09 -21.78
CA HIS B 110 4.78 -14.09 -22.73
C HIS B 110 5.30 -13.43 -24.00
N GLU B 111 4.86 -12.21 -24.30
CA GLU B 111 5.27 -11.54 -25.53
C GLU B 111 6.59 -10.79 -25.35
N CYS B 112 6.76 -10.10 -24.24
CA CYS B 112 7.96 -9.30 -24.04
C CYS B 112 9.14 -10.19 -23.68
N ASN B 113 10.19 -10.13 -24.50
CA ASN B 113 11.41 -10.89 -24.25
C ASN B 113 12.60 -9.97 -24.47
N SER B 114 13.51 -9.95 -23.51
CA SER B 114 14.69 -9.10 -23.60
C SER B 114 15.75 -9.63 -22.65
N PRO B 115 17.03 -9.51 -22.98
CA PRO B 115 18.09 -9.93 -22.04
C PRO B 115 18.15 -9.09 -20.80
N TYR B 116 17.38 -8.01 -20.71
CA TYR B 116 17.42 -7.09 -19.58
C TYR B 116 16.17 -7.15 -18.73
N ILE B 117 15.20 -8.01 -19.06
CA ILE B 117 14.00 -8.21 -18.27
C ILE B 117 13.79 -9.70 -18.07
N VAL B 118 13.26 -10.06 -16.89
CA VAL B 118 13.16 -11.46 -16.50
C VAL B 118 12.09 -12.15 -17.33
N GLY B 119 12.38 -13.40 -17.72
CA GLY B 119 11.47 -14.15 -18.56
C GLY B 119 10.24 -14.62 -17.80
N PHE B 120 9.19 -14.91 -18.58
CA PHE B 120 7.86 -15.16 -18.04
C PHE B 120 7.39 -16.54 -18.47
N TYR B 121 6.90 -17.33 -17.51
CA TYR B 121 6.37 -18.67 -17.75
C TYR B 121 4.86 -18.70 -17.88
N GLY B 122 4.16 -18.12 -16.91
CA GLY B 122 2.71 -18.14 -16.93
C GLY B 122 2.17 -17.63 -15.61
N ALA B 123 0.85 -17.39 -15.60
CA ALA B 123 0.17 -16.87 -14.42
C ALA B 123 -1.18 -17.58 -14.28
N PHE B 124 -1.37 -18.27 -13.17
CA PHE B 124 -2.62 -18.95 -12.87
C PHE B 124 -3.14 -18.48 -11.51
N TYR B 125 -4.33 -18.96 -11.16
CA TYR B 125 -5.01 -18.58 -9.92
C TYR B 125 -5.26 -19.84 -9.10
N SER B 126 -4.64 -19.92 -7.93
CA SER B 126 -4.75 -21.10 -7.09
C SER B 126 -4.96 -20.67 -5.64
N ASP B 127 -5.98 -21.24 -5.00
CA ASP B 127 -6.26 -21.02 -3.58
C ASP B 127 -6.45 -19.54 -3.27
N GLY B 128 -7.11 -18.83 -4.17
CA GLY B 128 -7.40 -17.43 -3.93
C GLY B 128 -6.17 -16.55 -3.93
N GLU B 129 -5.04 -17.04 -4.43
CA GLU B 129 -3.80 -16.27 -4.48
C GLU B 129 -3.23 -16.39 -5.88
N ILE B 130 -3.13 -15.25 -6.58
CA ILE B 130 -2.63 -15.27 -7.94
C ILE B 130 -1.13 -15.54 -7.95
N SER B 131 -0.70 -16.40 -8.87
CA SER B 131 0.68 -16.81 -8.97
C SER B 131 1.31 -16.29 -10.25
N ILE B 132 2.52 -15.78 -10.14
CA ILE B 132 3.31 -15.33 -11.29
C ILE B 132 4.60 -16.14 -11.30
N CYS B 133 4.80 -16.90 -12.37
CA CYS B 133 5.95 -17.80 -12.49
C CYS B 133 7.00 -17.15 -13.36
N MET B 134 8.21 -16.99 -12.82
CA MET B 134 9.28 -16.25 -13.48
C MET B 134 10.58 -17.02 -13.36
N GLU B 135 11.62 -16.49 -14.02
CA GLU B 135 12.95 -17.06 -13.89
C GLU B 135 13.41 -17.00 -12.44
N HIS B 136 14.06 -18.07 -11.98
CA HIS B 136 14.77 -18.04 -10.71
C HIS B 136 16.20 -17.61 -10.98
N MET B 137 16.62 -16.51 -10.35
CA MET B 137 17.96 -15.97 -10.52
C MET B 137 18.70 -16.17 -9.20
N ASP B 138 19.72 -17.03 -9.23
CA ASP B 138 20.36 -17.53 -8.01
C ASP B 138 21.12 -16.46 -7.24
N GLY B 139 21.25 -15.25 -7.78
CA GLY B 139 21.96 -14.19 -7.09
C GLY B 139 21.08 -13.36 -6.18
N GLY B 140 19.77 -13.40 -6.42
CA GLY B 140 18.86 -12.62 -5.60
C GLY B 140 18.72 -11.19 -6.09
N SER B 141 18.16 -10.35 -5.22
CA SER B 141 17.97 -8.94 -5.52
C SER B 141 19.19 -8.14 -5.10
N LEU B 142 19.28 -6.91 -5.62
CA LEU B 142 20.46 -6.09 -5.37
C LEU B 142 20.51 -5.53 -3.96
N ASP B 143 19.38 -5.47 -3.25
CA ASP B 143 19.41 -4.95 -1.90
C ASP B 143 19.98 -5.98 -0.91
N GLN B 144 19.70 -7.26 -1.12
CA GLN B 144 20.23 -8.28 -0.24
C GLN B 144 21.67 -8.65 -0.55
N VAL B 145 22.13 -8.39 -1.78
CA VAL B 145 23.57 -8.52 -2.05
C VAL B 145 24.31 -7.30 -1.53
N LEU B 146 23.65 -6.14 -1.49
CA LEU B 146 24.24 -4.97 -0.82
C LEU B 146 24.30 -5.19 0.69
N LYS B 147 23.32 -5.91 1.25
CA LYS B 147 23.40 -6.31 2.65
C LYS B 147 24.56 -7.29 2.87
N LYS B 148 24.84 -8.14 1.88
CA LYS B 148 25.96 -9.07 2.00
C LYS B 148 27.30 -8.34 1.92
N ALA B 149 27.49 -7.56 0.86
CA ALA B 149 28.70 -6.77 0.72
C ALA B 149 28.66 -5.56 1.64
N GLY B 150 29.74 -4.80 1.69
CA GLY B 150 29.73 -3.54 2.40
C GLY B 150 29.12 -2.45 1.53
N ARG B 151 29.78 -2.17 0.42
CA ARG B 151 29.26 -1.28 -0.62
C ARG B 151 29.55 -1.90 -1.97
N ILE B 152 28.82 -1.46 -2.98
CA ILE B 152 28.94 -1.99 -4.34
C ILE B 152 29.83 -1.03 -5.14
N PRO B 153 30.94 -1.50 -5.72
CA PRO B 153 31.86 -0.59 -6.40
C PRO B 153 31.24 0.06 -7.63
N GLU B 154 31.92 1.11 -8.09
CA GLU B 154 31.41 1.93 -9.18
C GLU B 154 31.36 1.14 -10.49
N GLN B 155 32.34 0.28 -10.73
CA GLN B 155 32.44 -0.41 -12.01
C GLN B 155 31.27 -1.37 -12.21
N ILE B 156 30.84 -2.05 -11.14
CA ILE B 156 29.67 -2.92 -11.25
C ILE B 156 28.41 -2.10 -11.46
N LEU B 157 28.27 -0.98 -10.73
CA LEU B 157 27.09 -0.13 -10.87
C LEU B 157 26.98 0.47 -12.26
N GLY B 158 28.08 0.58 -13.00
CA GLY B 158 28.00 1.05 -14.37
C GLY B 158 27.26 0.07 -15.27
N LYS B 159 27.67 -1.20 -15.25
CA LYS B 159 26.95 -2.22 -16.01
C LYS B 159 25.51 -2.33 -15.55
N VAL B 160 25.25 -2.14 -14.26
CA VAL B 160 23.88 -2.14 -13.76
C VAL B 160 23.09 -1.00 -14.38
N SER B 161 23.70 0.19 -14.45
CA SER B 161 23.01 1.34 -15.01
C SER B 161 22.64 1.10 -16.48
N ILE B 162 23.59 0.57 -17.26
CA ILE B 162 23.34 0.35 -18.69
C ILE B 162 22.17 -0.60 -18.89
N ALA B 163 22.14 -1.70 -18.12
CA ALA B 163 21.11 -2.70 -18.32
C ALA B 163 19.74 -2.19 -17.87
N VAL B 164 19.69 -1.41 -16.79
CA VAL B 164 18.43 -0.84 -16.35
C VAL B 164 17.92 0.18 -17.37
N ILE B 165 18.83 0.97 -17.94
CA ILE B 165 18.43 1.96 -18.94
C ILE B 165 17.85 1.27 -20.17
N LYS B 166 18.55 0.25 -20.67
CA LYS B 166 18.06 -0.44 -21.87
C LYS B 166 16.84 -1.30 -21.57
N GLY B 167 16.72 -1.80 -20.35
CA GLY B 167 15.51 -2.50 -19.96
C GLY B 167 14.29 -1.59 -19.98
N LEU B 168 14.40 -0.44 -19.33
CA LEU B 168 13.32 0.54 -19.37
C LEU B 168 13.07 1.03 -20.80
N THR B 169 14.15 1.20 -21.57
CA THR B 169 14.01 1.58 -22.97
C THR B 169 13.22 0.54 -23.74
N TYR B 170 13.53 -0.74 -23.53
CA TYR B 170 12.80 -1.81 -24.19
C TYR B 170 11.31 -1.76 -23.86
N LEU B 171 10.98 -1.60 -22.58
CA LEU B 171 9.58 -1.59 -22.17
C LEU B 171 8.83 -0.41 -22.76
N ARG B 172 9.43 0.79 -22.72
CA ARG B 172 8.73 1.97 -23.20
C ARG B 172 8.62 1.96 -24.73
N GLU B 173 9.69 1.58 -25.43
CA GLU B 173 9.68 1.67 -26.87
C GLU B 173 8.97 0.50 -27.54
N LYS B 174 9.01 -0.68 -26.94
CA LYS B 174 8.41 -1.87 -27.53
C LYS B 174 7.01 -2.19 -27.02
N HIS B 175 6.67 -1.78 -25.80
CA HIS B 175 5.38 -2.13 -25.22
C HIS B 175 4.61 -0.96 -24.64
N LYS B 176 5.15 0.25 -24.71
CA LYS B 176 4.46 1.47 -24.26
C LYS B 176 4.13 1.42 -22.77
N ILE B 177 4.96 0.74 -21.98
CA ILE B 177 4.76 0.64 -20.54
C ILE B 177 5.97 1.23 -19.84
N MET B 178 5.72 1.81 -18.67
CA MET B 178 6.78 2.23 -17.75
C MET B 178 6.80 1.27 -16.56
N HIS B 179 7.95 1.24 -15.89
CA HIS B 179 8.16 0.23 -14.85
C HIS B 179 7.29 0.50 -13.63
N ARG B 180 7.30 1.73 -13.13
CA ARG B 180 6.52 2.27 -12.02
C ARG B 180 7.08 1.86 -10.65
N ASP B 181 8.04 0.95 -10.57
CA ASP B 181 8.54 0.50 -9.28
C ASP B 181 9.98 0.02 -9.40
N VAL B 182 10.89 0.93 -9.76
CA VAL B 182 12.31 0.61 -9.83
C VAL B 182 12.94 0.82 -8.47
N LYS B 183 13.64 -0.20 -7.97
CA LYS B 183 14.31 -0.15 -6.68
C LYS B 183 15.21 -1.38 -6.57
N PRO B 184 16.21 -1.35 -5.68
CA PRO B 184 17.17 -2.47 -5.63
C PRO B 184 16.54 -3.83 -5.42
N SER B 185 15.42 -3.91 -4.70
CA SER B 185 14.77 -5.19 -4.46
C SER B 185 14.13 -5.77 -5.71
N ASN B 186 14.01 -5.00 -6.79
CA ASN B 186 13.38 -5.47 -8.02
C ASN B 186 14.36 -5.57 -9.18
N ILE B 187 15.66 -5.64 -8.89
CA ILE B 187 16.68 -5.87 -9.90
C ILE B 187 17.43 -7.13 -9.50
N LEU B 188 17.39 -8.14 -10.37
CA LEU B 188 17.89 -9.46 -10.04
C LEU B 188 19.16 -9.77 -10.82
N VAL B 189 20.00 -10.62 -10.23
CA VAL B 189 21.28 -11.00 -10.81
C VAL B 189 21.41 -12.52 -10.74
N ASN B 190 22.33 -13.05 -11.54
CA ASN B 190 22.54 -14.50 -11.59
C ASN B 190 24.03 -14.79 -11.77
N SER B 191 24.38 -16.07 -11.62
CA SER B 191 25.77 -16.50 -11.75
C SER B 191 26.24 -16.53 -13.19
N ARG B 192 25.32 -16.48 -14.17
CA ARG B 192 25.73 -16.39 -15.56
C ARG B 192 26.28 -15.00 -15.88
N GLY B 193 25.81 -13.97 -15.19
CA GLY B 193 26.35 -12.63 -15.33
C GLY B 193 25.39 -11.60 -15.89
N GLU B 194 24.15 -11.98 -16.19
CA GLU B 194 23.16 -11.04 -16.69
C GLU B 194 22.29 -10.53 -15.54
N ILE B 195 21.81 -9.30 -15.69
CA ILE B 195 20.94 -8.68 -14.70
C ILE B 195 19.66 -8.25 -15.40
N LYS B 196 18.54 -8.37 -14.69
CA LYS B 196 17.23 -8.19 -15.31
C LYS B 196 16.29 -7.45 -14.36
N LEU B 197 15.35 -6.71 -14.94
CA LEU B 197 14.34 -5.98 -14.18
C LEU B 197 13.09 -6.84 -13.99
N CYS B 198 12.49 -6.74 -12.81
CA CYS B 198 11.27 -7.48 -12.51
C CYS B 198 10.26 -6.57 -11.84
N ASP B 199 9.12 -7.13 -11.48
CA ASP B 199 8.05 -6.43 -10.75
C ASP B 199 7.64 -5.13 -11.44
N PHE B 200 7.73 -5.08 -12.76
CA PHE B 200 7.31 -3.90 -13.48
C PHE B 200 5.81 -3.97 -13.79
N GLY B 201 5.22 -2.79 -14.00
CA GLY B 201 3.79 -2.69 -14.20
C GLY B 201 3.32 -2.95 -15.61
N VAL B 202 2.87 -4.18 -15.87
CA VAL B 202 2.34 -4.53 -17.18
C VAL B 202 0.81 -4.53 -17.19
N SER B 203 0.18 -4.70 -16.04
CA SER B 203 -1.28 -4.78 -15.95
C SER B 203 -1.83 -3.55 -15.23
N GLY B 204 -2.98 -3.08 -15.68
CA GLY B 204 -3.59 -1.92 -15.08
C GLY B 204 -4.55 -2.27 -13.97
N GLN B 205 -5.35 -3.33 -14.18
CA GLN B 205 -6.33 -3.72 -13.19
C GLN B 205 -5.67 -4.28 -11.93
N LEU B 206 -4.47 -4.86 -12.07
CA LEU B 206 -3.76 -5.36 -10.90
C LEU B 206 -3.34 -4.22 -9.98
N ILE B 207 -3.11 -3.03 -10.53
CA ILE B 207 -2.84 -1.85 -9.70
C ILE B 207 -4.00 -1.60 -8.76
N ASP B 208 -5.21 -1.49 -9.33
CA ASP B 208 -6.39 -1.22 -8.52
C ASP B 208 -6.80 -2.42 -7.69
N SER B 209 -6.56 -3.64 -8.21
CA SER B 209 -6.97 -4.84 -7.50
C SER B 209 -6.20 -5.04 -6.20
N MET B 210 -5.03 -4.42 -6.06
CA MET B 210 -4.24 -4.55 -4.84
C MET B 210 -5.08 -4.20 -3.61
N ALA B 211 -5.18 -5.16 -2.69
CA ALA B 211 -5.95 -4.93 -1.48
C ALA B 211 -5.31 -3.87 -0.59
N ASN B 212 -3.98 -3.89 -0.47
CA ASN B 212 -3.29 -2.98 0.42
C ASN B 212 -1.89 -2.71 -0.14
N SER B 213 -1.08 -1.98 0.63
CA SER B 213 0.29 -1.68 0.26
C SER B 213 1.13 -1.59 1.52
N PHE B 214 2.43 -1.80 1.37
CA PHE B 214 3.37 -1.83 2.49
C PHE B 214 4.33 -0.66 2.35
N VAL B 215 4.16 0.35 3.21
CA VAL B 215 4.96 1.56 3.17
C VAL B 215 5.93 1.53 4.34
N GLY B 216 7.22 1.54 4.03
CA GLY B 216 8.24 1.50 5.06
C GLY B 216 9.03 2.80 5.19
N THR B 217 10.29 2.68 5.58
CA THR B 217 11.16 3.84 5.77
C THR B 217 12.00 4.18 4.55
N ARG B 218 12.07 3.30 3.56
CA ARG B 218 12.81 3.54 2.33
C ARG B 218 11.82 3.71 1.19
N SER B 219 11.81 4.90 0.59
CA SER B 219 10.92 5.21 -0.52
C SER B 219 11.75 5.59 -1.74
N TYR B 220 11.40 5.01 -2.88
CA TYR B 220 12.08 5.29 -4.14
C TYR B 220 11.19 6.01 -5.14
N MET B 221 10.09 6.60 -4.67
CA MET B 221 9.15 7.25 -5.56
C MET B 221 9.62 8.66 -5.89
N SER B 222 9.44 9.04 -7.15
CA SER B 222 9.91 10.33 -7.64
C SER B 222 9.13 11.47 -7.00
N PRO B 223 9.71 12.67 -6.96
CA PRO B 223 8.96 13.82 -6.42
C PRO B 223 7.67 14.11 -7.17
N GLU B 224 7.67 14.00 -8.50
CA GLU B 224 6.48 14.36 -9.26
C GLU B 224 5.32 13.41 -8.96
N ARG B 225 5.61 12.14 -8.73
CA ARG B 225 4.54 11.20 -8.38
C ARG B 225 4.05 11.43 -6.96
N LEU B 226 4.93 11.85 -6.05
CA LEU B 226 4.52 12.16 -4.70
C LEU B 226 3.56 13.36 -4.67
N GLN B 227 3.76 14.32 -5.56
CA GLN B 227 2.90 15.49 -5.65
C GLN B 227 1.70 15.26 -6.55
N GLY B 228 1.57 14.09 -7.15
CA GLY B 228 0.39 13.75 -7.92
C GLY B 228 0.28 14.46 -9.26
N THR B 229 1.40 14.73 -9.91
CA THR B 229 1.40 15.35 -11.23
C THR B 229 1.53 14.26 -12.30
N HIS B 230 1.46 14.68 -13.56
CA HIS B 230 1.69 13.75 -14.66
C HIS B 230 3.12 13.23 -14.61
N TYR B 231 3.28 11.93 -14.84
CA TYR B 231 4.59 11.31 -14.75
C TYR B 231 4.76 10.33 -15.90
N SER B 232 6.02 10.09 -16.25
CA SER B 232 6.38 9.21 -17.35
C SER B 232 7.54 8.32 -16.88
N VAL B 233 8.34 7.83 -17.84
CA VAL B 233 9.50 7.02 -17.51
C VAL B 233 10.52 7.82 -16.71
N GLN B 234 10.42 9.15 -16.73
CA GLN B 234 11.33 9.99 -15.95
C GLN B 234 11.31 9.60 -14.47
N SER B 235 10.14 9.21 -13.96
CA SER B 235 10.05 8.77 -12.57
C SER B 235 10.84 7.49 -12.35
N ASP B 236 10.85 6.60 -13.35
CA ASP B 236 11.68 5.40 -13.25
C ASP B 236 13.17 5.75 -13.28
N ILE B 237 13.52 6.84 -13.97
CA ILE B 237 14.92 7.26 -14.03
C ILE B 237 15.35 7.83 -12.67
N TRP B 238 14.47 8.58 -12.01
CA TRP B 238 14.75 9.01 -10.65
C TRP B 238 14.97 7.81 -9.73
N SER B 239 14.06 6.84 -9.79
CA SER B 239 14.17 5.66 -8.93
C SER B 239 15.47 4.93 -9.17
N MET B 240 15.93 4.87 -10.43
CA MET B 240 17.22 4.26 -10.73
C MET B 240 18.34 5.05 -10.09
N GLY B 241 18.31 6.39 -10.21
CA GLY B 241 19.37 7.20 -9.64
C GLY B 241 19.45 7.07 -8.13
N LEU B 242 18.29 7.11 -7.47
CA LEU B 242 18.28 6.94 -6.02
C LEU B 242 18.71 5.54 -5.60
N SER B 243 18.38 4.54 -6.42
CA SER B 243 18.85 3.18 -6.13
C SER B 243 20.36 3.08 -6.28
N LEU B 244 20.92 3.80 -7.27
CA LEU B 244 22.34 3.72 -7.52
C LEU B 244 23.16 4.32 -6.39
N VAL B 245 22.72 5.47 -5.85
CA VAL B 245 23.48 6.12 -4.81
C VAL B 245 23.41 5.32 -3.51
N GLU B 246 22.26 4.71 -3.23
CA GLU B 246 22.15 3.87 -2.04
C GLU B 246 23.10 2.69 -2.11
N MET B 247 23.15 2.03 -3.27
CA MET B 247 24.05 0.87 -3.42
C MET B 247 25.51 1.30 -3.43
N ALA B 248 25.80 2.53 -3.85
CA ALA B 248 27.18 2.99 -3.90
C ALA B 248 27.71 3.31 -2.51
N VAL B 249 26.86 3.87 -1.65
CA VAL B 249 27.31 4.31 -0.33
C VAL B 249 27.00 3.29 0.77
N GLY B 250 26.13 2.31 0.50
CA GLY B 250 25.79 1.29 1.48
C GLY B 250 24.70 1.67 2.47
N ARG B 251 24.06 2.83 2.29
CA ARG B 251 23.01 3.28 3.19
C ARG B 251 21.97 4.02 2.37
N TYR B 252 20.71 3.92 2.81
CA TYR B 252 19.66 4.72 2.19
C TYR B 252 19.99 6.19 2.42
N PRO B 253 20.10 7.00 1.36
CA PRO B 253 20.75 8.31 1.49
C PRO B 253 19.86 9.48 1.91
N ILE B 254 18.61 9.23 2.30
CA ILE B 254 17.72 10.29 2.78
C ILE B 254 17.23 9.90 4.16
N PRO B 255 17.49 10.70 5.20
CA PRO B 255 18.23 11.96 5.12
C PRO B 255 19.74 11.76 4.98
N PRO B 256 20.44 12.74 4.43
CA PRO B 256 21.88 12.59 4.25
C PRO B 256 22.57 12.40 5.58
N PRO B 257 23.64 11.62 5.61
CA PRO B 257 24.37 11.41 6.86
C PRO B 257 25.26 12.59 7.19
N ASP B 258 25.54 12.73 8.49
CA ASP B 258 26.41 13.80 8.96
C ASP B 258 27.88 13.47 8.66
N ALA B 259 28.77 14.38 9.05
CA ALA B 259 30.19 14.21 8.73
C ALA B 259 30.78 12.98 9.38
N LYS B 260 30.33 12.65 10.60
CA LYS B 260 30.90 11.51 11.31
C LYS B 260 30.51 10.19 10.64
N GLU B 261 29.30 10.11 10.09
CA GLU B 261 28.87 8.87 9.44
C GLU B 261 29.57 8.66 8.10
N LEU B 262 29.86 9.75 7.38
CA LEU B 262 30.58 9.61 6.11
C LEU B 262 32.02 9.16 6.33
N GLU B 263 32.62 9.53 7.46
CA GLU B 263 33.98 9.08 7.75
C GLU B 263 34.00 7.62 8.17
N LEU B 264 33.02 7.19 8.98
CA LEU B 264 32.97 5.80 9.42
C LEU B 264 32.70 4.85 8.25
N MET B 265 31.98 5.31 7.22
CA MET B 265 31.74 4.46 6.07
C MET B 265 33.00 4.20 5.27
N PHE B 266 33.89 5.18 5.21
CA PHE B 266 35.13 5.05 4.45
C PHE B 266 36.35 5.23 5.36
N PRO B 298 14.54 6.92 13.52
CA PRO B 298 13.45 7.53 14.26
C PRO B 298 12.80 8.69 13.52
N MET B 299 12.27 8.41 12.32
CA MET B 299 11.66 9.43 11.49
C MET B 299 10.35 8.92 10.92
N ALA B 300 9.31 9.75 11.00
CA ALA B 300 8.02 9.37 10.46
C ALA B 300 8.05 9.34 8.94
N ILE B 301 7.06 8.67 8.36
CA ILE B 301 7.03 8.48 6.91
C ILE B 301 6.88 9.82 6.19
N PHE B 302 6.01 10.69 6.71
CA PHE B 302 5.78 11.97 6.04
C PHE B 302 7.02 12.85 6.06
N GLU B 303 7.82 12.79 7.14
CA GLU B 303 9.03 13.61 7.20
C GLU B 303 10.00 13.23 6.08
N LEU B 304 10.11 11.93 5.78
CA LEU B 304 10.97 11.50 4.68
C LEU B 304 10.43 11.99 3.34
N LEU B 305 9.14 11.77 3.10
CA LEU B 305 8.54 12.15 1.82
C LEU B 305 8.64 13.66 1.60
N ASP B 306 8.40 14.45 2.65
CA ASP B 306 8.52 15.90 2.51
C ASP B 306 9.96 16.32 2.31
N TYR B 307 10.91 15.56 2.85
CA TYR B 307 12.32 15.83 2.58
C TYR B 307 12.65 15.58 1.12
N ILE B 308 12.07 14.54 0.52
CA ILE B 308 12.32 14.24 -0.89
C ILE B 308 11.77 15.34 -1.78
N VAL B 309 10.63 15.92 -1.40
CA VAL B 309 9.97 16.88 -2.27
C VAL B 309 10.62 18.26 -2.17
N ASN B 310 10.99 18.68 -0.97
CA ASN B 310 11.42 20.05 -0.74
C ASN B 310 12.92 20.23 -0.56
N GLU B 311 13.61 19.27 0.03
CA GLU B 311 15.03 19.43 0.24
C GLU B 311 15.83 19.00 -0.99
N PRO B 312 17.06 19.48 -1.15
CA PRO B 312 17.83 19.14 -2.33
C PRO B 312 18.05 17.64 -2.41
N PRO B 313 18.19 17.10 -3.62
CA PRO B 313 18.32 15.65 -3.79
C PRO B 313 19.63 15.14 -3.22
N PRO B 314 19.72 13.84 -2.91
CA PRO B 314 20.98 13.29 -2.42
C PRO B 314 22.03 13.28 -3.53
N LYS B 315 23.29 13.33 -3.10
CA LYS B 315 24.41 13.33 -4.03
C LYS B 315 25.53 12.47 -3.47
N LEU B 316 26.37 11.96 -4.37
CA LEU B 316 27.47 11.10 -3.99
C LEU B 316 28.60 11.92 -3.37
N PRO B 317 29.38 11.32 -2.48
CA PRO B 317 30.60 12.00 -1.99
C PRO B 317 31.56 12.27 -3.14
N SER B 318 32.21 13.43 -3.08
CA SER B 318 33.01 13.91 -4.20
C SER B 318 34.42 13.33 -4.25
N ALA B 319 34.83 12.56 -3.24
CA ALA B 319 36.21 12.11 -3.16
C ALA B 319 36.43 10.74 -3.80
N VAL B 320 35.52 9.79 -3.56
CA VAL B 320 35.77 8.39 -3.86
C VAL B 320 35.20 7.96 -5.20
N PHE B 321 34.45 8.83 -5.88
CA PHE B 321 33.78 8.46 -7.11
C PHE B 321 34.18 9.40 -8.24
N SER B 322 34.15 8.87 -9.47
CA SER B 322 34.54 9.62 -10.65
C SER B 322 33.50 10.70 -10.96
N LEU B 323 33.94 11.69 -11.74
CA LEU B 323 33.03 12.76 -12.14
C LEU B 323 31.90 12.24 -13.02
N GLU B 324 32.20 11.27 -13.89
CA GLU B 324 31.17 10.71 -14.77
C GLU B 324 30.05 10.07 -13.97
N PHE B 325 30.39 9.34 -12.91
CA PHE B 325 29.37 8.71 -12.08
C PHE B 325 28.59 9.74 -11.29
N GLN B 326 29.27 10.70 -10.68
CA GLN B 326 28.58 11.72 -9.90
C GLN B 326 27.64 12.54 -10.78
N ASP B 327 28.08 12.93 -11.98
CA ASP B 327 27.20 13.65 -12.88
C ASP B 327 26.06 12.76 -13.38
N PHE B 328 26.31 11.46 -13.51
CA PHE B 328 25.27 10.55 -13.97
C PHE B 328 24.10 10.50 -12.99
N VAL B 329 24.40 10.27 -11.71
CA VAL B 329 23.34 10.20 -10.70
C VAL B 329 22.72 11.58 -10.48
N ASN B 330 23.50 12.66 -10.66
CA ASN B 330 22.94 13.99 -10.53
C ASN B 330 21.91 14.24 -11.62
N LYS B 331 22.18 13.81 -12.85
CA LYS B 331 21.21 13.96 -13.94
C LYS B 331 19.98 13.11 -13.70
N CYS B 332 20.13 11.98 -12.99
CA CYS B 332 18.98 11.13 -12.70
C CYS B 332 18.14 11.66 -11.55
N LEU B 333 18.72 12.46 -10.65
CA LEU B 333 18.03 12.91 -9.46
C LEU B 333 17.60 14.38 -9.54
N ILE B 334 17.51 14.94 -10.75
CA ILE B 334 16.95 16.27 -10.90
C ILE B 334 15.47 16.22 -10.56
N LYS B 335 15.01 17.13 -9.70
CA LYS B 335 13.62 17.09 -9.26
C LYS B 335 12.67 17.34 -10.42
N ASN B 336 12.97 18.32 -11.26
CA ASN B 336 12.13 18.62 -12.41
C ASN B 336 12.26 17.51 -13.44
N PRO B 337 11.22 16.73 -13.72
CA PRO B 337 11.37 15.61 -14.66
C PRO B 337 11.63 16.05 -16.09
N ALA B 338 11.31 17.30 -16.44
CA ALA B 338 11.61 17.79 -17.78
C ALA B 338 13.11 18.04 -17.95
N GLU B 339 13.77 18.51 -16.89
CA GLU B 339 15.21 18.69 -16.92
C GLU B 339 15.97 17.41 -16.61
N ARG B 340 15.34 16.46 -15.93
CA ARG B 340 15.97 15.18 -15.65
C ARG B 340 16.33 14.48 -16.94
N ALA B 341 17.47 13.79 -16.94
CA ALA B 341 17.91 13.07 -18.12
C ALA B 341 16.91 11.98 -18.50
N ASP B 342 16.65 11.85 -19.79
CA ASP B 342 15.79 10.79 -20.28
C ASP B 342 16.63 9.58 -20.68
N LEU B 343 15.96 8.50 -21.10
CA LEU B 343 16.67 7.28 -21.45
C LEU B 343 17.65 7.52 -22.60
N LYS B 344 17.29 8.38 -23.55
CA LYS B 344 18.17 8.66 -24.68
C LYS B 344 19.40 9.44 -24.23
N GLN B 345 19.21 10.48 -23.43
CA GLN B 345 20.34 11.27 -22.94
C GLN B 345 21.28 10.41 -22.09
N LEU B 346 20.72 9.51 -21.29
CA LEU B 346 21.55 8.62 -20.48
C LEU B 346 22.36 7.69 -21.36
N MET B 347 21.80 7.27 -22.50
CA MET B 347 22.52 6.41 -23.43
C MET B 347 23.74 7.09 -24.02
N VAL B 348 23.77 8.43 -24.01
CA VAL B 348 24.89 9.18 -24.57
C VAL B 348 25.84 9.68 -23.48
N HIS B 349 25.40 9.69 -22.22
CA HIS B 349 26.22 10.19 -21.12
C HIS B 349 27.57 9.50 -21.09
N ALA B 350 28.60 10.26 -20.69
CA ALA B 350 29.96 9.74 -20.71
C ALA B 350 30.14 8.57 -19.75
N PHE B 351 29.32 8.50 -18.69
CA PHE B 351 29.52 7.47 -17.69
C PHE B 351 29.24 6.08 -18.24
N ILE B 352 28.20 5.92 -19.04
CA ILE B 352 27.87 4.58 -19.51
C ILE B 352 28.64 4.22 -20.78
N LYS B 353 29.02 5.21 -21.59
CA LYS B 353 29.97 4.93 -22.68
C LYS B 353 31.25 4.34 -22.11
N ARG B 354 31.77 4.97 -21.05
CA ARG B 354 32.97 4.46 -20.39
C ARG B 354 32.74 3.09 -19.77
N SER B 355 31.58 2.91 -19.12
CA SER B 355 31.32 1.63 -18.46
C SER B 355 31.04 0.51 -19.46
N ASP B 356 30.41 0.84 -20.59
CA ASP B 356 30.09 -0.20 -21.57
C ASP B 356 31.35 -0.85 -22.12
N ALA B 357 32.40 -0.06 -22.35
CA ALA B 357 33.65 -0.57 -22.88
C ALA B 357 34.64 -0.92 -21.77
N GLU B 358 34.18 -1.73 -20.81
CA GLU B 358 35.02 -2.18 -19.71
C GLU B 358 34.91 -3.68 -19.53
N GLU B 359 36.02 -4.30 -19.16
CA GLU B 359 36.09 -5.74 -18.91
C GLU B 359 35.94 -5.96 -17.41
N VAL B 360 34.75 -6.37 -16.99
CA VAL B 360 34.47 -6.68 -15.58
C VAL B 360 33.77 -8.03 -15.53
N ASP B 361 34.34 -8.96 -14.77
CA ASP B 361 33.74 -10.27 -14.57
C ASP B 361 32.66 -10.15 -13.51
N PHE B 362 31.44 -9.83 -13.96
CA PHE B 362 30.34 -9.65 -13.03
C PHE B 362 30.02 -10.94 -12.29
N ALA B 363 30.03 -12.07 -13.01
CA ALA B 363 29.81 -13.35 -12.35
C ALA B 363 30.87 -13.64 -11.31
N GLY B 364 32.13 -13.27 -11.60
CA GLY B 364 33.19 -13.48 -10.63
C GLY B 364 33.02 -12.64 -9.39
N TRP B 365 32.63 -11.38 -9.56
CA TRP B 365 32.35 -10.52 -8.41
C TRP B 365 31.24 -11.11 -7.55
N LEU B 366 30.10 -11.43 -8.18
CA LEU B 366 28.96 -11.99 -7.44
C LEU B 366 29.35 -13.24 -6.68
N CYS B 367 29.72 -14.30 -7.40
CA CYS B 367 30.00 -15.59 -6.78
C CYS B 367 31.04 -15.49 -5.66
N SER B 368 32.02 -14.58 -5.81
CA SER B 368 33.00 -14.40 -4.74
C SER B 368 32.49 -13.50 -3.63
N THR B 369 31.61 -12.54 -3.95
CA THR B 369 31.08 -11.66 -2.93
C THR B 369 30.01 -12.36 -2.08
N ILE B 370 28.97 -12.88 -2.73
CA ILE B 370 27.92 -13.54 -1.96
C ILE B 370 28.37 -14.90 -1.45
N GLY B 371 29.31 -15.55 -2.13
CA GLY B 371 29.78 -16.86 -1.72
C GLY B 371 29.17 -17.99 -2.52
#